data_6LP7
#
_entry.id   6LP7
#
_cell.length_a   90.708
_cell.length_b   90.708
_cell.length_c   123.049
_cell.angle_alpha   90.000
_cell.angle_beta   90.000
_cell.angle_gamma   120.000
#
_symmetry.space_group_name_H-M   'P 32 2 1'
#
loop_
_entity.id
_entity.type
_entity.pdbx_description
1 polymer 'Dihydroorotate dehydrogenase (quinone), mitochondrial'
2 non-polymer 'FLAVIN MONONUCLEOTIDE'
3 non-polymer 'OROTIC ACID'
4 non-polymer 'SULFATE ION'
5 non-polymer 'ACETATE ION'
6 non-polymer 3-[3,5-bis(fluoranyl)-4-(3-methoxyphenyl)phenyl]benzo[f]benzotriazole-4,9-dione
7 non-polymer 'LAURYL DIMETHYLAMINE-N-OXIDE'
8 water water
#
_entity_poly.entity_id   1
_entity_poly.type   'polypeptide(L)'
_entity_poly.pdbx_seq_one_letter_code
;ATGDERFYAEHLMPTLQGLLDPESAHRLAVRFTSLGLLPRARFQDSDMLEVRVLGHKFRNPVGIAAGFDKHGEAVDGLYK
MGFGFVEIGSVTPKPQEGNPRPRVFRLPEDQAVINRYGFNSHGLSVVEHRLRARQQKQAKLTEDGLPLGVNLGKNKTSVD
AAEDYAEGVRVLGPLADYLVVNVSSPNTAGLRSLQGKAELRRLLTKVLQERDGLRRVHRPAVLVKIAPDLTSQDKEDIAS
VVKELGIDGLIVTNTTVSRPAGLQGALRSETGGLSGKPLRDLSTQTIREMYALTQGRVPIIGVGGVSSGQDALEKIRAGA
SLVQLYTALTFWGPPVVGKVKRELEALLKEQGFGGVTDAIGADHRR
;
_entity_poly.pdbx_strand_id   A
#
loop_
_chem_comp.id
_chem_comp.type
_chem_comp.name
_chem_comp.formula
ACT non-polymer 'ACETATE ION' 'C2 H3 O2 -1'
B6R non-polymer 3-[3,5-bis(fluoranyl)-4-(3-methoxyphenyl)phenyl]benzo[f]benzotriazole-4,9-dione 'C23 H13 F2 N3 O3'
FMN non-polymer 'FLAVIN MONONUCLEOTIDE' 'C17 H21 N4 O9 P'
LDA non-polymer 'LAURYL DIMETHYLAMINE-N-OXIDE' 'C14 H31 N O'
ORO non-polymer 'OROTIC ACID' 'C5 H4 N2 O4'
SO4 non-polymer 'SULFATE ION' 'O4 S -2'
#
# COMPACT_ATOMS: atom_id res chain seq x y z
N GLY A 3 -23.69 9.92 -8.49
CA GLY A 3 -24.06 11.16 -7.83
C GLY A 3 -22.89 11.78 -7.10
N ASP A 4 -22.52 11.19 -5.98
CA ASP A 4 -21.36 11.64 -5.21
C ASP A 4 -20.08 11.54 -6.04
N GLU A 5 -19.97 10.47 -6.83
CA GLU A 5 -18.77 10.23 -7.63
C GLU A 5 -18.49 11.40 -8.58
N ARG A 6 -19.52 11.83 -9.31
CA ARG A 6 -19.37 12.94 -10.25
C ARG A 6 -19.11 14.27 -9.54
N PHE A 7 -19.79 14.49 -8.40
CA PHE A 7 -19.63 15.73 -7.66
C PHE A 7 -18.20 15.92 -7.17
N TYR A 8 -17.66 14.89 -6.53
CA TYR A 8 -16.27 14.91 -6.06
C TYR A 8 -15.30 15.04 -7.23
N ALA A 9 -15.51 14.23 -8.25
CA ALA A 9 -14.59 14.16 -9.38
C ALA A 9 -14.56 15.45 -10.20
N GLU A 10 -15.71 16.13 -10.30
CA GLU A 10 -15.83 17.27 -11.21
C GLU A 10 -15.88 18.64 -10.52
N HIS A 11 -16.18 18.66 -9.23
CA HIS A 11 -16.38 19.92 -8.52
C HIS A 11 -15.56 20.05 -7.23
N LEU A 12 -15.78 19.16 -6.27
CA LEU A 12 -15.13 19.30 -4.97
C LEU A 12 -13.62 19.15 -5.07
N MET A 13 -13.15 18.04 -5.64
CA MET A 13 -11.72 17.77 -5.67
C MET A 13 -10.95 18.80 -6.50
N PRO A 14 -11.45 19.16 -7.69
CA PRO A 14 -10.76 20.22 -8.45
C PRO A 14 -10.68 21.55 -7.69
N THR A 15 -11.69 21.84 -6.88
CA THR A 15 -11.72 23.08 -6.11
C THR A 15 -10.71 23.03 -4.96
N LEU A 16 -10.67 21.90 -4.25
CA LEU A 16 -9.72 21.70 -3.17
C LEU A 16 -8.29 21.84 -3.68
N GLN A 17 -8.03 21.24 -4.84
CA GLN A 17 -6.71 21.30 -5.46
C GLN A 17 -6.34 22.72 -5.86
N GLY A 18 -7.34 23.49 -6.28
CA GLY A 18 -7.12 24.87 -6.68
C GLY A 18 -6.76 25.77 -5.52
N LEU A 19 -7.22 25.40 -4.32
CA LEU A 19 -7.03 26.23 -3.14
C LEU A 19 -5.78 25.84 -2.34
N LEU A 20 -5.51 24.53 -2.29
CA LEU A 20 -4.49 24.00 -1.40
C LEU A 20 -3.35 23.32 -2.13
N ASP A 21 -2.13 23.58 -1.66
CA ASP A 21 -0.98 22.81 -2.11
C ASP A 21 -1.20 21.35 -1.69
N PRO A 22 -0.57 20.41 -2.40
CA PRO A 22 -0.88 18.99 -2.15
C PRO A 22 -0.60 18.53 -0.71
N GLU A 23 0.47 18.97 -0.06
CA GLU A 23 0.73 18.51 1.30
C GLU A 23 -0.35 19.03 2.26
N SER A 24 -0.75 20.28 2.10
CA SER A 24 -1.83 20.83 2.90
C SER A 24 -3.13 20.08 2.65
N ALA A 25 -3.42 19.78 1.39
CA ALA A 25 -4.62 19.06 1.04
C ALA A 25 -4.61 17.68 1.71
N HIS A 26 -3.45 17.03 1.69
CA HIS A 26 -3.31 15.73 2.32
C HIS A 26 -3.61 15.78 3.83
N ARG A 27 -3.00 16.74 4.50
CA ARG A 27 -3.20 16.90 5.94
C ARG A 27 -4.68 17.10 6.27
N LEU A 28 -5.34 17.93 5.46
CA LEU A 28 -6.77 18.17 5.61
C LEU A 28 -7.55 16.88 5.43
N ALA A 29 -7.19 16.14 4.39
CA ALA A 29 -7.84 14.87 4.10
C ALA A 29 -7.71 13.89 5.27
N VAL A 30 -6.52 13.81 5.86
CA VAL A 30 -6.31 12.92 7.00
C VAL A 30 -7.18 13.38 8.17
N ARG A 31 -7.25 14.68 8.38
CA ARG A 31 -8.03 15.23 9.49
C ARG A 31 -9.52 14.92 9.33
N PHE A 32 -10.07 15.21 8.14
CA PHE A 32 -11.48 14.94 7.88
C PHE A 32 -11.80 13.47 8.04
N THR A 33 -10.91 12.62 7.52
CA THR A 33 -11.13 11.18 7.58
C THR A 33 -11.12 10.72 9.03
N SER A 34 -10.16 11.20 9.81
CA SER A 34 -10.03 10.77 11.20
C SER A 34 -11.26 11.17 12.01
N LEU A 35 -11.95 12.22 11.56
CA LEU A 35 -13.15 12.70 12.26
C LEU A 35 -14.44 12.10 11.70
N GLY A 36 -14.33 11.24 10.70
CA GLY A 36 -15.47 10.57 10.12
C GLY A 36 -16.34 11.46 9.25
N LEU A 37 -15.80 12.60 8.83
CA LEU A 37 -16.52 13.52 7.96
C LEU A 37 -16.41 13.06 6.51
N LEU A 38 -17.22 12.05 6.19
CA LEU A 38 -17.19 11.40 4.88
C LEU A 38 -18.61 11.06 4.47
N PRO A 39 -18.85 10.87 3.17
CA PRO A 39 -20.08 10.19 2.83
C PRO A 39 -19.94 8.70 3.18
N ARG A 40 -20.47 8.28 4.32
CA ARG A 40 -20.36 6.88 4.73
C ARG A 40 -20.82 5.99 3.58
N ALA A 41 -19.88 5.19 3.07
CA ALA A 41 -20.10 4.40 1.85
C ALA A 41 -21.38 3.58 1.90
N ARG A 42 -22.19 3.72 0.85
CA ARG A 42 -23.45 3.02 0.76
C ARG A 42 -23.31 1.67 0.08
N PHE A 43 -22.20 1.46 -0.63
CA PHE A 43 -21.95 0.17 -1.27
C PHE A 43 -21.78 -0.93 -0.23
N GLN A 44 -22.62 -1.95 -0.32
CA GLN A 44 -22.53 -3.11 0.56
C GLN A 44 -21.70 -4.19 -0.12
N ASP A 45 -20.64 -4.63 0.55
CA ASP A 45 -19.75 -5.63 -0.04
C ASP A 45 -20.48 -6.97 -0.21
N SER A 46 -20.45 -7.50 -1.43
CA SER A 46 -21.01 -8.80 -1.70
C SER A 46 -20.01 -9.90 -1.37
N ASP A 47 -20.51 -11.12 -1.21
CA ASP A 47 -19.66 -12.26 -0.90
C ASP A 47 -18.59 -12.54 -1.96
N MET A 48 -18.83 -12.16 -3.20
CA MET A 48 -17.86 -12.48 -4.24
C MET A 48 -16.63 -11.58 -4.17
N LEU A 49 -16.65 -10.55 -3.32
CA LEU A 49 -15.47 -9.72 -3.11
C LEU A 49 -14.59 -10.21 -1.96
N GLU A 50 -15.08 -11.18 -1.20
CA GLU A 50 -14.32 -11.70 -0.07
C GLU A 50 -13.10 -12.51 -0.50
N VAL A 51 -12.00 -12.32 0.22
CA VAL A 51 -10.75 -13.02 -0.04
C VAL A 51 -10.15 -13.53 1.26
N ARG A 52 -9.70 -14.79 1.25
CA ARG A 52 -8.98 -15.35 2.38
C ARG A 52 -7.52 -15.55 2.03
N VAL A 53 -6.66 -14.79 2.69
CA VAL A 53 -5.23 -14.81 2.40
C VAL A 53 -4.47 -14.24 3.60
N LEU A 54 -3.17 -14.56 3.72
CA LEU A 54 -2.32 -14.06 4.79
C LEU A 54 -2.84 -14.42 6.18
N GLY A 55 -3.65 -15.48 6.25
CA GLY A 55 -4.19 -15.95 7.51
C GLY A 55 -5.42 -15.19 7.97
N HIS A 56 -6.01 -14.42 7.05
CA HIS A 56 -7.13 -13.55 7.41
C HIS A 56 -8.21 -13.49 6.34
N LYS A 57 -9.39 -13.08 6.77
CA LYS A 57 -10.49 -12.79 5.87
C LYS A 57 -10.46 -11.31 5.53
N PHE A 58 -10.62 -11.02 4.25
CA PHE A 58 -10.73 -9.63 3.78
C PHE A 58 -12.11 -9.49 3.15
N ARG A 59 -12.95 -8.64 3.74
CA ARG A 59 -14.33 -8.44 3.29
C ARG A 59 -14.40 -7.98 1.83
N ASN A 60 -13.45 -7.13 1.42
CA ASN A 60 -13.27 -6.81 0.01
C ASN A 60 -11.77 -6.62 -0.23
N PRO A 61 -11.34 -6.68 -1.50
CA PRO A 61 -9.90 -6.73 -1.79
C PRO A 61 -9.25 -5.36 -2.00
N VAL A 62 -9.95 -4.27 -1.69
CA VAL A 62 -9.45 -2.93 -1.98
C VAL A 62 -8.99 -2.22 -0.71
N GLY A 63 -7.69 -2.02 -0.61
CA GLY A 63 -7.10 -1.40 0.56
C GLY A 63 -6.53 -0.03 0.29
N ILE A 64 -6.26 0.72 1.36
CA ILE A 64 -5.55 1.98 1.25
C ILE A 64 -4.06 1.70 1.40
N ALA A 65 -3.29 2.18 0.44
CA ALA A 65 -1.85 1.95 0.43
C ALA A 65 -1.15 2.76 1.50
N ALA A 66 0.04 2.30 1.90
CA ALA A 66 0.89 3.04 2.80
C ALA A 66 1.15 4.46 2.31
N GLY A 67 1.29 5.38 3.27
CA GLY A 67 1.68 6.74 2.97
C GLY A 67 0.57 7.75 3.10
N PHE A 68 -0.69 7.29 3.08
CA PHE A 68 -1.80 8.19 3.29
C PHE A 68 -1.95 8.47 4.78
N ASP A 69 -2.01 7.39 5.55
CA ASP A 69 -2.06 7.50 7.02
C ASP A 69 -0.71 7.02 7.57
N LYS A 70 0.28 7.90 7.52
CA LYS A 70 1.63 7.52 7.90
C LYS A 70 1.74 7.21 9.38
N HIS A 71 0.93 7.87 10.21
CA HIS A 71 1.12 7.82 11.66
C HIS A 71 -0.03 7.14 12.40
N GLY A 72 -0.92 6.48 11.68
CA GLY A 72 -2.00 5.72 12.28
C GLY A 72 -3.09 6.56 12.93
N GLU A 73 -3.44 7.67 12.30
CA GLU A 73 -4.39 8.63 12.87
C GLU A 73 -5.80 8.51 12.32
N ALA A 74 -5.98 7.78 11.23
CA ALA A 74 -7.25 7.82 10.51
C ALA A 74 -7.80 6.43 10.19
N VAL A 75 -7.32 5.42 10.91
CA VAL A 75 -7.64 4.04 10.59
C VAL A 75 -9.14 3.77 10.54
N ASP A 76 -9.87 4.18 11.56
CA ASP A 76 -11.30 3.88 11.59
C ASP A 76 -12.07 4.63 10.50
N GLY A 77 -11.67 5.87 10.23
CA GLY A 77 -12.23 6.64 9.13
C GLY A 77 -12.01 5.98 7.78
N LEU A 78 -10.87 5.32 7.60
CA LEU A 78 -10.58 4.65 6.34
C LEU A 78 -11.45 3.41 6.16
N TYR A 79 -11.72 2.65 7.22
CA TYR A 79 -12.69 1.55 7.10
C TYR A 79 -14.08 2.11 6.78
N LYS A 80 -14.43 3.26 7.36
CA LYS A 80 -15.71 3.88 7.08
C LYS A 80 -15.83 4.27 5.61
N MET A 81 -14.69 4.58 4.98
CA MET A 81 -14.66 4.94 3.57
C MET A 81 -14.94 3.73 2.65
N GLY A 82 -14.81 2.53 3.20
CA GLY A 82 -15.15 1.31 2.47
C GLY A 82 -13.96 0.42 2.13
N PHE A 83 -12.75 0.79 2.55
CA PHE A 83 -11.57 -0.04 2.33
C PHE A 83 -11.72 -1.37 3.08
N GLY A 84 -11.36 -2.45 2.41
CA GLY A 84 -11.39 -3.77 3.01
C GLY A 84 -10.23 -4.02 3.94
N PHE A 85 -9.18 -3.22 3.83
CA PHE A 85 -8.06 -3.31 4.76
C PHE A 85 -7.29 -2.00 4.72
N VAL A 86 -6.55 -1.74 5.80
CA VAL A 86 -5.84 -0.50 5.96
C VAL A 86 -4.40 -0.78 6.27
N GLU A 87 -3.52 -0.09 5.56
CA GLU A 87 -2.08 -0.14 5.85
C GLU A 87 -1.60 1.24 6.27
N ILE A 88 -1.00 1.32 7.45
CA ILE A 88 -0.44 2.57 7.94
C ILE A 88 1.07 2.54 7.79
N GLY A 89 1.68 3.72 7.91
CA GLY A 89 3.13 3.86 7.76
C GLY A 89 3.49 4.52 6.45
N SER A 90 4.78 4.54 6.10
CA SER A 90 5.85 3.89 6.86
C SER A 90 6.13 4.55 8.20
N VAL A 91 6.42 3.73 9.20
CA VAL A 91 6.80 4.22 10.53
C VAL A 91 8.27 3.93 10.76
N THR A 92 9.02 4.95 11.19
CA THR A 92 10.44 4.80 11.49
C THR A 92 10.64 4.64 13.02
N PRO A 93 11.78 4.07 13.44
CA PRO A 93 11.97 3.85 14.89
C PRO A 93 11.87 5.13 15.70
N LYS A 94 12.68 6.12 15.36
CA LYS A 94 12.62 7.42 16.03
C LYS A 94 11.82 8.38 15.18
N PRO A 95 11.18 9.38 15.80
CA PRO A 95 10.56 10.44 15.01
C PRO A 95 11.56 11.12 14.07
N GLN A 96 11.11 11.53 12.90
CA GLN A 96 11.94 12.34 12.03
C GLN A 96 11.05 13.17 11.11
N GLU A 97 11.58 14.32 10.67
CA GLU A 97 10.76 15.31 9.99
C GLU A 97 10.60 15.03 8.50
N GLY A 98 11.52 14.26 7.93
CA GLY A 98 11.51 14.04 6.49
C GLY A 98 12.16 15.20 5.74
N ASN A 99 11.94 15.28 4.43
CA ASN A 99 12.62 16.29 3.61
C ASN A 99 11.99 17.68 3.71
N PRO A 100 12.77 18.72 3.38
CA PRO A 100 12.21 20.08 3.38
C PRO A 100 11.10 20.26 2.35
N ARG A 101 10.18 21.19 2.63
CA ARG A 101 9.08 21.47 1.72
C ARG A 101 9.51 22.48 0.65
N PRO A 102 8.89 22.42 -0.54
CA PRO A 102 7.85 21.48 -0.94
C PRO A 102 8.41 20.10 -1.30
N ARG A 103 7.59 19.07 -1.08
CA ARG A 103 8.06 17.71 -1.24
C ARG A 103 6.98 16.80 -1.82
N VAL A 104 5.90 17.40 -2.31
CA VAL A 104 4.85 16.65 -3.00
C VAL A 104 4.24 17.53 -4.07
N PHE A 105 3.95 16.93 -5.21
CA PHE A 105 3.63 17.67 -6.43
C PHE A 105 2.56 16.94 -7.22
N ARG A 106 1.54 17.66 -7.65
CA ARG A 106 0.49 17.10 -8.51
C ARG A 106 0.85 17.25 -9.98
N LEU A 107 0.52 16.20 -10.76
CA LEU A 107 0.64 16.22 -12.22
C LEU A 107 -0.74 15.91 -12.77
N PRO A 108 -1.62 16.91 -12.74
CA PRO A 108 -3.03 16.65 -13.05
C PRO A 108 -3.24 16.14 -14.49
N GLU A 109 -2.44 16.62 -15.43
CA GLU A 109 -2.55 16.18 -16.83
C GLU A 109 -2.24 14.70 -16.99
N ASP A 110 -1.54 14.14 -16.01
CA ASP A 110 -1.10 12.74 -16.04
C ASP A 110 -1.84 11.87 -15.02
N GLN A 111 -2.76 12.46 -14.27
CA GLN A 111 -3.33 11.88 -13.04
C GLN A 111 -2.27 11.14 -12.24
N ALA A 112 -1.23 11.91 -11.93
CA ALA A 112 -0.09 11.41 -11.22
C ALA A 112 0.34 12.36 -10.10
N VAL A 113 1.12 11.83 -9.19
CA VAL A 113 1.75 12.60 -8.13
C VAL A 113 3.23 12.24 -8.10
N ILE A 114 4.06 13.21 -7.74
CA ILE A 114 5.46 12.93 -7.42
C ILE A 114 5.68 13.37 -5.98
N ASN A 115 6.26 12.49 -5.16
CA ASN A 115 6.56 12.84 -3.77
C ASN A 115 7.99 12.48 -3.36
N ARG A 116 8.53 13.30 -2.48
CA ARG A 116 9.80 13.04 -1.83
C ARG A 116 9.70 13.38 -0.35
N TYR A 117 8.68 12.84 0.33
CA TYR A 117 8.50 13.09 1.77
C TYR A 117 9.73 12.73 2.60
N GLY A 118 10.35 11.59 2.29
CA GLY A 118 11.53 11.15 3.01
C GLY A 118 11.23 10.56 4.38
N PHE A 119 10.15 9.79 4.47
CA PHE A 119 9.80 9.08 5.71
C PHE A 119 9.61 10.06 6.88
N ASN A 120 8.79 11.08 6.68
CA ASN A 120 8.32 11.87 7.81
C ASN A 120 7.52 10.92 8.70
N SER A 121 7.87 10.84 9.98
CA SER A 121 7.23 9.86 10.86
C SER A 121 7.20 10.34 12.30
N HIS A 122 6.06 10.12 12.95
CA HIS A 122 5.93 10.36 14.39
C HIS A 122 6.74 9.36 15.23
N GLY A 123 7.22 8.28 14.61
CA GLY A 123 8.02 7.28 15.29
C GLY A 123 7.24 6.14 15.93
N LEU A 124 7.94 5.06 16.23
CA LEU A 124 7.32 3.84 16.73
C LEU A 124 6.52 4.05 18.01
N SER A 125 7.09 4.77 18.99
CA SER A 125 6.45 4.92 20.29
C SER A 125 5.08 5.59 20.18
N VAL A 126 5.01 6.70 19.44
CA VAL A 126 3.76 7.41 19.27
C VAL A 126 2.73 6.54 18.55
N VAL A 127 3.15 5.88 17.48
CA VAL A 127 2.21 5.04 16.74
C VAL A 127 1.78 3.84 17.60
N GLU A 128 2.71 3.28 18.38
CA GLU A 128 2.40 2.17 19.30
C GLU A 128 1.26 2.55 20.24
N HIS A 129 1.37 3.71 20.86
CA HIS A 129 0.35 4.11 21.80
C HIS A 129 -0.98 4.43 21.11
N ARG A 130 -0.90 4.99 19.91
CA ARG A 130 -2.10 5.26 19.12
C ARG A 130 -2.84 3.95 18.78
N LEU A 131 -2.12 2.92 18.37
CA LEU A 131 -2.76 1.65 18.06
C LEU A 131 -3.24 0.93 19.33
N ARG A 132 -2.48 1.03 20.42
CA ARG A 132 -2.91 0.40 21.66
C ARG A 132 -4.27 0.95 22.14
N ALA A 133 -4.52 2.21 21.86
CA ALA A 133 -5.74 2.87 22.35
C ALA A 133 -6.99 2.31 21.67
N ARG A 134 -6.81 1.64 20.54
CA ARG A 134 -7.92 1.04 19.81
C ARG A 134 -7.66 -0.43 19.49
N GLN A 135 -6.79 -1.08 20.28
CA GLN A 135 -6.35 -2.43 19.96
C GLN A 135 -7.49 -3.44 19.94
N GLN A 136 -8.45 -3.36 20.86
CA GLN A 136 -9.53 -4.36 20.89
C GLN A 136 -10.58 -4.08 19.84
N LYS A 137 -10.79 -2.81 19.53
CA LYS A 137 -11.64 -2.40 18.45
C LYS A 137 -11.11 -3.00 17.14
N GLN A 138 -9.80 -2.95 16.96
CA GLN A 138 -9.18 -3.55 15.77
C GLN A 138 -9.31 -5.07 15.77
N ALA A 139 -9.19 -5.70 16.93
CA ALA A 139 -9.35 -7.15 16.99
C ALA A 139 -10.72 -7.55 16.45
N LYS A 140 -11.75 -6.80 16.81
CA LYS A 140 -13.11 -7.07 16.31
C LYS A 140 -13.23 -6.84 14.81
N LEU A 141 -12.66 -5.73 14.36
CA LEU A 141 -12.65 -5.38 12.94
C LEU A 141 -11.98 -6.49 12.12
N THR A 142 -10.83 -6.94 12.59
CA THR A 142 -10.06 -7.98 11.94
C THR A 142 -10.89 -9.26 11.86
N GLU A 143 -11.52 -9.60 12.99
CA GLU A 143 -12.41 -10.76 13.03
C GLU A 143 -13.57 -10.63 12.03
N ASP A 144 -14.03 -9.40 11.82
CA ASP A 144 -15.12 -9.12 10.88
C ASP A 144 -14.63 -8.91 9.44
N GLY A 145 -13.37 -9.20 9.19
CA GLY A 145 -12.84 -9.17 7.83
C GLY A 145 -12.22 -7.85 7.41
N LEU A 146 -11.77 -7.06 8.37
CA LEU A 146 -11.15 -5.76 8.09
C LEU A 146 -9.77 -5.63 8.74
N PRO A 147 -8.77 -6.30 8.14
CA PRO A 147 -7.43 -6.37 8.74
C PRO A 147 -6.61 -5.08 8.66
N LEU A 148 -5.59 -5.01 9.49
CA LEU A 148 -4.70 -3.86 9.61
C LEU A 148 -3.25 -4.26 9.30
N GLY A 149 -2.63 -3.51 8.39
CA GLY A 149 -1.23 -3.68 8.08
C GLY A 149 -0.42 -2.51 8.60
N VAL A 150 0.83 -2.79 8.93
CA VAL A 150 1.76 -1.76 9.38
C VAL A 150 3.03 -1.83 8.55
N ASN A 151 3.37 -0.71 7.94
CA ASN A 151 4.53 -0.60 7.07
C ASN A 151 5.71 0.03 7.83
N LEU A 152 6.83 -0.69 7.86
CA LEU A 152 7.99 -0.30 8.66
C LEU A 152 9.08 0.32 7.79
N GLY A 153 9.61 1.46 8.24
CA GLY A 153 10.72 2.10 7.56
C GLY A 153 11.95 2.17 8.44
N LYS A 154 12.96 2.89 7.98
CA LYS A 154 14.19 3.08 8.75
C LYS A 154 14.53 4.55 8.80
N ASN A 155 15.19 4.96 9.87
CA ASN A 155 15.59 6.34 10.04
C ASN A 155 16.69 6.73 9.07
N LYS A 156 16.70 7.99 8.68
CA LYS A 156 17.69 8.53 7.76
C LYS A 156 19.12 8.29 8.23
N THR A 157 19.36 8.48 9.52
CA THR A 157 20.70 8.40 10.09
C THR A 157 21.06 7.01 10.63
N SER A 158 20.21 6.03 10.37
CA SER A 158 20.43 4.68 10.90
C SER A 158 21.71 4.04 10.35
N VAL A 159 22.47 3.44 11.26
CA VAL A 159 23.74 2.79 10.90
C VAL A 159 23.51 1.31 10.57
N ASP A 160 22.40 0.77 11.02
CA ASP A 160 22.09 -0.66 10.88
C ASP A 160 20.62 -0.82 10.47
N ALA A 161 20.37 -0.94 9.17
CA ALA A 161 19.01 -1.00 8.64
C ALA A 161 18.20 -2.14 9.24
N ALA A 162 18.84 -3.30 9.35
CA ALA A 162 18.15 -4.48 9.86
C ALA A 162 17.67 -4.28 11.30
N GLU A 163 18.44 -3.56 12.10
CA GLU A 163 18.03 -3.32 13.48
C GLU A 163 16.84 -2.36 13.53
N ASP A 164 16.79 -1.40 12.62
CA ASP A 164 15.62 -0.51 12.53
C ASP A 164 14.38 -1.34 12.26
N TYR A 165 14.43 -2.23 11.27
CA TYR A 165 13.27 -3.05 10.96
C TYR A 165 12.94 -3.98 12.10
N ALA A 166 13.97 -4.55 12.74
CA ALA A 166 13.77 -5.46 13.85
C ALA A 166 13.03 -4.75 14.99
N GLU A 167 13.41 -3.50 15.24
CA GLU A 167 12.76 -2.73 16.31
C GLU A 167 11.28 -2.54 15.97
N GLY A 168 10.99 -2.25 14.71
CA GLY A 168 9.62 -2.11 14.25
C GLY A 168 8.80 -3.36 14.43
N VAL A 169 9.38 -4.53 14.13
CA VAL A 169 8.71 -5.81 14.33
C VAL A 169 8.36 -5.99 15.81
N ARG A 170 9.33 -5.69 16.68
CA ARG A 170 9.11 -5.89 18.11
C ARG A 170 8.04 -4.96 18.67
N VAL A 171 8.01 -3.72 18.21
CA VAL A 171 7.12 -2.71 18.79
C VAL A 171 5.72 -2.74 18.16
N LEU A 172 5.63 -2.81 16.84
CA LEU A 172 4.32 -2.79 16.18
C LEU A 172 3.83 -4.14 15.66
N GLY A 173 4.72 -5.12 15.55
CA GLY A 173 4.29 -6.46 15.16
C GLY A 173 3.10 -6.98 15.97
N PRO A 174 3.14 -6.81 17.29
CA PRO A 174 2.05 -7.30 18.14
C PRO A 174 0.71 -6.61 17.91
N LEU A 175 0.71 -5.50 17.18
CA LEU A 175 -0.51 -4.73 16.95
C LEU A 175 -1.01 -4.82 15.51
N ALA A 176 -0.35 -5.65 14.71
CA ALA A 176 -0.61 -5.69 13.27
C ALA A 176 -1.05 -7.06 12.82
N ASP A 177 -1.91 -7.10 11.81
CA ASP A 177 -2.24 -8.35 11.16
C ASP A 177 -1.14 -8.73 10.17
N TYR A 178 -0.53 -7.74 9.54
CA TYR A 178 0.65 -7.97 8.73
C TYR A 178 1.58 -6.79 8.81
N LEU A 179 2.86 -7.09 8.61
CA LEU A 179 3.92 -6.10 8.60
C LEU A 179 4.50 -6.02 7.20
N VAL A 180 4.95 -4.85 6.81
CA VAL A 180 5.60 -4.66 5.53
C VAL A 180 6.99 -4.11 5.74
N VAL A 181 7.95 -4.81 5.14
CA VAL A 181 9.32 -4.35 5.09
C VAL A 181 9.48 -3.65 3.78
N ASN A 182 9.51 -2.33 3.90
CA ASN A 182 9.59 -1.44 2.78
C ASN A 182 11.05 -1.17 2.49
N VAL A 183 11.60 -1.92 1.53
CA VAL A 183 12.95 -1.66 1.09
C VAL A 183 12.92 -1.01 -0.29
N SER A 184 11.85 -0.26 -0.58
CA SER A 184 11.66 0.29 -1.93
C SER A 184 11.27 1.77 -1.98
N SER A 185 11.33 2.50 -0.86
CA SER A 185 11.17 3.96 -0.96
C SER A 185 12.29 4.56 -1.80
N PRO A 186 11.94 5.42 -2.78
CA PRO A 186 13.01 6.05 -3.57
C PRO A 186 13.61 7.28 -2.91
N ASN A 187 13.17 7.60 -1.69
CA ASN A 187 13.47 8.88 -1.06
C ASN A 187 14.31 8.77 0.22
N THR A 188 14.92 7.61 0.41
CA THR A 188 15.88 7.42 1.50
C THR A 188 17.13 6.78 0.91
N ALA A 189 18.25 7.50 1.02
CA ALA A 189 19.51 7.10 0.41
C ALA A 189 19.92 5.69 0.82
N GLY A 190 20.21 4.85 -0.19
CA GLY A 190 20.70 3.51 0.03
C GLY A 190 19.65 2.50 0.45
N LEU A 191 18.42 2.96 0.66
CA LEU A 191 17.36 2.07 1.12
C LEU A 191 17.11 0.96 0.11
N ARG A 192 16.94 1.35 -1.15
CA ARG A 192 16.58 0.39 -2.18
C ARG A 192 17.65 -0.68 -2.37
N SER A 193 18.91 -0.35 -2.09
CA SER A 193 19.98 -1.33 -2.22
C SER A 193 19.78 -2.53 -1.28
N LEU A 194 18.85 -2.41 -0.34
CA LEU A 194 18.48 -3.53 0.54
C LEU A 194 17.73 -4.62 -0.22
N GLN A 195 17.41 -4.36 -1.48
CA GLN A 195 16.69 -5.32 -2.31
C GLN A 195 17.63 -6.34 -2.98
N GLY A 196 18.94 -6.06 -2.97
CA GLY A 196 19.93 -7.01 -3.47
C GLY A 196 19.95 -8.29 -2.65
N LYS A 197 20.42 -9.39 -3.24
CA LYS A 197 20.22 -10.73 -2.67
C LYS A 197 20.88 -10.99 -1.32
N ALA A 198 22.19 -10.79 -1.25
CA ALA A 198 22.97 -11.15 -0.06
C ALA A 198 22.47 -10.45 1.20
N GLU A 199 22.20 -9.16 1.06
CA GLU A 199 21.83 -8.34 2.20
C GLU A 199 20.33 -8.40 2.43
N LEU A 200 19.56 -8.74 1.39
CA LEU A 200 18.14 -8.96 1.56
C LEU A 200 17.94 -10.22 2.38
N ARG A 201 18.73 -11.26 2.11
CA ARG A 201 18.58 -12.52 2.84
C ARG A 201 18.90 -12.32 4.32
N ARG A 202 19.98 -11.59 4.58
CA ARG A 202 20.39 -11.26 5.95
C ARG A 202 19.31 -10.44 6.67
N LEU A 203 18.86 -9.38 6.00
CA LEU A 203 17.83 -8.51 6.52
C LEU A 203 16.56 -9.27 6.87
N LEU A 204 16.05 -10.04 5.90
CA LEU A 204 14.77 -10.70 6.09
C LEU A 204 14.88 -11.88 7.06
N THR A 205 16.05 -12.48 7.15
CA THR A 205 16.23 -13.55 8.13
C THR A 205 16.05 -12.97 9.54
N LYS A 206 16.68 -11.83 9.78
CA LYS A 206 16.56 -11.15 11.07
C LYS A 206 15.11 -10.71 11.36
N VAL A 207 14.44 -10.15 10.37
CA VAL A 207 13.04 -9.73 10.52
C VAL A 207 12.15 -10.90 10.90
N LEU A 208 12.30 -12.02 10.19
CA LEU A 208 11.49 -13.19 10.46
C LEU A 208 11.79 -13.82 11.82
N GLN A 209 13.06 -13.82 12.22
CA GLN A 209 13.44 -14.29 13.56
C GLN A 209 12.69 -13.50 14.63
N GLU A 210 12.72 -12.17 14.50
CA GLU A 210 12.05 -11.29 15.47
C GLU A 210 10.54 -11.56 15.48
N ARG A 211 9.96 -11.73 14.28
CA ARG A 211 8.54 -12.01 14.16
C ARG A 211 8.18 -13.33 14.83
N ASP A 212 8.98 -14.35 14.58
CA ASP A 212 8.74 -15.67 15.13
C ASP A 212 8.86 -15.66 16.66
N GLY A 213 9.57 -14.67 17.21
CA GLY A 213 9.74 -14.53 18.65
C GLY A 213 8.54 -13.92 19.36
N LEU A 214 7.53 -13.47 18.61
CA LEU A 214 6.33 -12.91 19.22
C LEU A 214 5.35 -14.01 19.60
N ARG A 215 4.57 -13.77 20.65
CA ARG A 215 3.54 -14.71 21.07
C ARG A 215 2.54 -14.93 19.96
N ARG A 216 2.02 -16.15 19.90
CA ARG A 216 1.25 -16.64 18.75
C ARG A 216 0.10 -15.71 18.35
N VAL A 217 -0.71 -15.23 19.29
CA VAL A 217 -1.84 -14.37 18.90
C VAL A 217 -1.39 -12.96 18.48
N HIS A 218 -0.11 -12.67 18.66
CA HIS A 218 0.45 -11.37 18.31
C HIS A 218 1.48 -11.48 17.20
N ARG A 219 1.39 -12.55 16.42
CA ARG A 219 2.39 -12.86 15.41
C ARG A 219 1.86 -12.53 14.01
N PRO A 220 2.37 -11.43 13.41
CA PRO A 220 1.85 -11.01 12.10
C PRO A 220 2.48 -11.74 10.92
N ALA A 221 1.78 -11.72 9.79
CA ALA A 221 2.40 -12.04 8.51
C ALA A 221 3.45 -10.98 8.17
N VAL A 222 4.48 -11.37 7.42
CA VAL A 222 5.51 -10.44 6.99
C VAL A 222 5.56 -10.39 5.47
N LEU A 223 5.42 -9.20 4.92
CA LEU A 223 5.49 -8.98 3.48
C LEU A 223 6.66 -8.06 3.13
N VAL A 224 7.13 -8.18 1.89
CA VAL A 224 8.19 -7.30 1.37
C VAL A 224 7.60 -6.45 0.27
N LYS A 225 7.82 -5.14 0.35
CA LYS A 225 7.32 -4.20 -0.66
C LYS A 225 8.46 -3.77 -1.56
N ILE A 226 8.25 -3.94 -2.85
CA ILE A 226 9.31 -3.72 -3.81
C ILE A 226 9.00 -2.61 -4.78
N ALA A 227 10.05 -2.09 -5.38
CA ALA A 227 9.96 -1.06 -6.37
C ALA A 227 9.58 -1.63 -7.74
N PRO A 228 9.10 -0.75 -8.62
CA PRO A 228 8.83 -1.11 -10.01
C PRO A 228 10.09 -1.04 -10.86
N ASP A 229 11.18 -0.56 -10.29
CA ASP A 229 12.38 -0.22 -11.06
C ASP A 229 13.50 -1.25 -10.99
N LEU A 230 13.13 -2.48 -10.62
CA LEU A 230 14.09 -3.55 -10.43
C LEU A 230 14.56 -4.11 -11.75
N THR A 231 15.82 -4.52 -11.81
CA THR A 231 16.32 -5.28 -12.95
C THR A 231 15.74 -6.69 -12.91
N SER A 232 15.82 -7.42 -14.02
CA SER A 232 15.39 -8.81 -14.06
C SER A 232 16.14 -9.63 -13.00
N GLN A 233 17.44 -9.34 -12.86
CA GLN A 233 18.27 -10.02 -11.86
C GLN A 233 17.74 -9.79 -10.44
N ASP A 234 17.39 -8.54 -10.17
CA ASP A 234 16.84 -8.15 -8.87
C ASP A 234 15.57 -8.94 -8.56
N LYS A 235 14.69 -9.02 -9.55
CA LYS A 235 13.42 -9.71 -9.38
C LYS A 235 13.62 -11.22 -9.15
N GLU A 236 14.52 -11.84 -9.91
CA GLU A 236 14.85 -13.25 -9.72
C GLU A 236 15.37 -13.51 -8.31
N ASP A 237 16.25 -12.64 -7.85
CA ASP A 237 16.89 -12.77 -6.54
C ASP A 237 15.87 -12.63 -5.42
N ILE A 238 15.01 -11.62 -5.53
CA ILE A 238 13.95 -11.42 -4.54
C ILE A 238 13.02 -12.62 -4.49
N ALA A 239 12.61 -13.12 -5.65
CA ALA A 239 11.73 -14.28 -5.69
C ALA A 239 12.39 -15.48 -4.99
N SER A 240 13.68 -15.67 -5.24
CA SER A 240 14.40 -16.79 -4.65
C SER A 240 14.46 -16.69 -3.12
N VAL A 241 14.83 -15.51 -2.64
CA VAL A 241 14.96 -15.28 -1.20
C VAL A 241 13.63 -15.41 -0.49
N VAL A 242 12.59 -14.83 -1.09
CA VAL A 242 11.25 -14.89 -0.53
C VAL A 242 10.76 -16.34 -0.37
N LYS A 243 11.04 -17.18 -1.36
CA LYS A 243 10.64 -18.59 -1.27
C LYS A 243 11.50 -19.36 -0.29
N GLU A 244 12.80 -19.08 -0.30
CA GLU A 244 13.75 -19.72 0.59
C GLU A 244 13.39 -19.49 2.07
N LEU A 245 13.02 -18.26 2.40
CA LEU A 245 12.82 -17.87 3.79
C LEU A 245 11.38 -18.02 4.27
N GLY A 246 10.46 -18.28 3.34
CA GLY A 246 9.06 -18.40 3.68
C GLY A 246 8.39 -17.07 4.02
N ILE A 247 8.82 -16.00 3.35
CA ILE A 247 8.16 -14.70 3.44
C ILE A 247 6.69 -14.89 3.05
N ASP A 248 5.79 -14.20 3.75
CA ASP A 248 4.37 -14.48 3.61
C ASP A 248 3.73 -13.83 2.40
N GLY A 249 4.35 -12.79 1.87
CA GLY A 249 3.79 -12.12 0.72
C GLY A 249 4.63 -10.96 0.20
N LEU A 250 4.20 -10.42 -0.94
CA LEU A 250 4.83 -9.28 -1.58
C LEU A 250 3.83 -8.16 -1.79
N ILE A 251 4.29 -6.92 -1.69
CA ILE A 251 3.51 -5.77 -2.12
C ILE A 251 4.22 -5.17 -3.32
N VAL A 252 3.46 -5.05 -4.41
CA VAL A 252 3.99 -4.80 -5.74
C VAL A 252 3.06 -3.76 -6.40
N THR A 253 3.41 -2.47 -6.49
CA THR A 253 4.73 -1.88 -6.22
C THR A 253 4.66 -0.53 -5.49
N ASN A 254 5.82 -0.09 -5.02
CA ASN A 254 6.04 1.28 -4.60
C ASN A 254 6.05 2.23 -5.81
N THR A 255 6.35 3.49 -5.57
CA THR A 255 6.45 4.49 -6.63
C THR A 255 7.68 4.27 -7.50
N THR A 256 7.69 4.87 -8.69
CA THR A 256 8.81 4.73 -9.61
C THR A 256 9.67 5.98 -9.70
N VAL A 257 10.99 5.77 -9.77
CA VAL A 257 11.94 6.85 -10.01
C VAL A 257 12.14 7.08 -11.50
N SER A 258 11.50 6.24 -12.32
CA SER A 258 11.50 6.45 -13.75
C SER A 258 10.52 7.57 -14.11
N ARG A 259 10.66 8.10 -15.31
CA ARG A 259 9.73 9.09 -15.83
C ARG A 259 9.33 8.63 -17.21
N PRO A 260 8.24 7.85 -17.28
CA PRO A 260 7.80 7.31 -18.56
C PRO A 260 7.65 8.39 -19.61
N ALA A 261 7.97 8.06 -20.85
CA ALA A 261 7.74 8.99 -21.94
C ALA A 261 6.28 9.41 -21.96
N GLY A 262 6.04 10.67 -22.29
CA GLY A 262 4.69 11.16 -22.48
C GLY A 262 4.10 11.96 -21.33
N LEU A 263 4.77 12.01 -20.17
CA LEU A 263 4.30 12.86 -19.07
C LEU A 263 4.18 14.31 -19.53
N GLN A 264 3.07 14.93 -19.15
CA GLN A 264 2.74 16.30 -19.58
C GLN A 264 2.85 17.33 -18.46
N GLY A 265 2.71 16.89 -17.22
CA GLY A 265 2.72 17.81 -16.09
C GLY A 265 3.96 18.67 -16.06
N ALA A 266 3.78 19.93 -15.70
CA ALA A 266 4.87 20.88 -15.63
C ALA A 266 5.93 20.41 -14.63
N LEU A 267 5.49 19.67 -13.62
CA LEU A 267 6.37 19.27 -12.53
C LEU A 267 6.97 17.87 -12.70
N ARG A 268 6.95 17.36 -13.94
CA ARG A 268 7.40 15.99 -14.22
C ARG A 268 8.87 15.74 -13.87
N SER A 269 9.69 16.78 -13.84
CA SER A 269 11.13 16.59 -13.58
C SER A 269 11.52 16.87 -12.11
N GLU A 270 10.54 17.03 -11.24
CA GLU A 270 10.80 17.04 -9.81
C GLU A 270 11.36 15.69 -9.35
N THR A 271 12.30 15.74 -8.42
CA THR A 271 12.83 14.54 -7.80
C THR A 271 11.77 13.86 -6.93
N GLY A 272 11.71 12.54 -7.02
CA GLY A 272 10.86 11.76 -6.13
C GLY A 272 10.26 10.54 -6.81
N GLY A 273 9.34 9.90 -6.11
CA GLY A 273 8.64 8.76 -6.65
C GLY A 273 7.35 9.17 -7.31
N LEU A 274 7.14 8.65 -8.51
CA LEU A 274 5.93 8.89 -9.29
C LEU A 274 4.88 7.81 -9.05
N SER A 275 3.64 8.25 -8.82
CA SER A 275 2.49 7.38 -8.56
C SER A 275 1.35 7.71 -9.51
N GLY A 276 0.28 6.93 -9.44
CA GLY A 276 -0.88 7.18 -10.27
C GLY A 276 -0.80 6.51 -11.63
N LYS A 277 -1.53 7.04 -12.60
CA LYS A 277 -1.76 6.28 -13.80
C LYS A 277 -0.50 5.97 -14.61
N PRO A 278 0.51 6.86 -14.59
CA PRO A 278 1.69 6.47 -15.36
C PRO A 278 2.45 5.28 -14.78
N LEU A 279 2.15 4.92 -13.54
CA LEU A 279 2.74 3.76 -12.90
C LEU A 279 1.96 2.46 -13.15
N ARG A 280 0.72 2.59 -13.63
CA ARG A 280 -0.23 1.49 -13.55
C ARG A 280 0.27 0.22 -14.22
N ASP A 281 0.64 0.31 -15.48
CA ASP A 281 0.95 -0.91 -16.19
C ASP A 281 2.36 -1.44 -15.85
N LEU A 282 3.27 -0.55 -15.49
N LEU A 282 3.27 -0.54 -15.48
CA LEU A 282 4.57 -0.93 -14.96
CA LEU A 282 4.58 -0.96 -14.96
C LEU A 282 4.40 -1.80 -13.71
C LEU A 282 4.38 -1.81 -13.71
N SER A 283 3.50 -1.38 -12.82
CA SER A 283 3.19 -2.16 -11.63
C SER A 283 2.53 -3.51 -11.97
N THR A 284 1.54 -3.47 -12.84
CA THR A 284 0.87 -4.69 -13.25
C THR A 284 1.84 -5.71 -13.85
N GLN A 285 2.78 -5.26 -14.67
CA GLN A 285 3.78 -6.17 -15.22
C GLN A 285 4.72 -6.74 -14.16
N THR A 286 5.06 -5.94 -13.16
CA THR A 286 5.89 -6.42 -12.07
C THR A 286 5.14 -7.49 -11.27
N ILE A 287 3.84 -7.30 -11.05
CA ILE A 287 3.00 -8.32 -10.43
C ILE A 287 3.06 -9.62 -11.23
N ARG A 288 2.91 -9.48 -12.54
CA ARG A 288 2.84 -10.63 -13.44
C ARG A 288 4.13 -11.45 -13.34
N GLU A 289 5.26 -10.74 -13.37
CA GLU A 289 6.56 -11.37 -13.27
C GLU A 289 6.82 -12.02 -11.92
N MET A 290 6.48 -11.34 -10.83
CA MET A 290 6.72 -11.88 -9.49
C MET A 290 5.82 -13.10 -9.22
N TYR A 291 4.59 -13.08 -9.71
CA TYR A 291 3.69 -14.21 -9.56
C TYR A 291 4.29 -15.44 -10.25
N ALA A 292 4.78 -15.26 -11.46
CA ALA A 292 5.40 -16.36 -12.21
C ALA A 292 6.66 -16.88 -11.52
N LEU A 293 7.51 -15.98 -11.07
CA LEU A 293 8.77 -16.36 -10.42
C LEU A 293 8.56 -17.10 -9.12
N THR A 294 7.42 -16.86 -8.47
CA THR A 294 7.09 -17.53 -7.21
C THR A 294 6.05 -18.63 -7.39
N GLN A 295 5.80 -19.00 -8.64
CA GLN A 295 4.87 -20.07 -8.99
C GLN A 295 3.48 -19.89 -8.37
N GLY A 296 3.07 -18.64 -8.17
CA GLY A 296 1.74 -18.36 -7.66
C GLY A 296 1.54 -18.77 -6.21
N ARG A 297 2.63 -19.10 -5.53
CA ARG A 297 2.57 -19.61 -4.16
C ARG A 297 2.72 -18.52 -3.10
N VAL A 298 3.07 -17.30 -3.53
CA VAL A 298 3.34 -16.20 -2.63
C VAL A 298 2.29 -15.11 -2.87
N PRO A 299 1.39 -14.87 -1.91
CA PRO A 299 0.37 -13.83 -2.09
C PRO A 299 0.95 -12.48 -2.44
N ILE A 300 0.31 -11.81 -3.39
CA ILE A 300 0.74 -10.48 -3.83
C ILE A 300 -0.38 -9.47 -3.59
N ILE A 301 0.00 -8.35 -2.99
CA ILE A 301 -0.87 -7.19 -2.91
C ILE A 301 -0.43 -6.24 -4.03
N GLY A 302 -1.34 -5.99 -4.96
CA GLY A 302 -1.03 -5.19 -6.14
C GLY A 302 -1.37 -3.74 -5.98
N VAL A 303 -0.44 -2.86 -6.33
CA VAL A 303 -0.66 -1.44 -6.09
C VAL A 303 0.11 -0.62 -7.13
N GLY A 304 -0.54 0.44 -7.59
CA GLY A 304 0.02 1.35 -8.57
C GLY A 304 -0.99 1.71 -9.65
N GLY A 305 -1.49 2.93 -9.58
CA GLY A 305 -2.36 3.47 -10.60
C GLY A 305 -3.77 2.88 -10.69
N VAL A 306 -4.26 2.27 -9.62
CA VAL A 306 -5.63 1.73 -9.63
C VAL A 306 -6.67 2.83 -9.39
N SER A 307 -7.58 3.05 -10.33
CA SER A 307 -8.68 3.98 -10.11
C SER A 307 -10.02 3.48 -10.68
N SER A 308 -10.07 2.22 -11.08
CA SER A 308 -11.28 1.63 -11.63
C SER A 308 -11.32 0.11 -11.36
N GLY A 309 -12.48 -0.47 -11.55
CA GLY A 309 -12.63 -1.90 -11.42
C GLY A 309 -11.76 -2.62 -12.45
N GLN A 310 -11.63 -2.06 -13.64
CA GLN A 310 -10.77 -2.68 -14.67
C GLN A 310 -9.33 -2.72 -14.19
N ASP A 311 -8.85 -1.60 -13.65
CA ASP A 311 -7.49 -1.52 -13.14
C ASP A 311 -7.28 -2.60 -12.07
N ALA A 312 -8.23 -2.74 -11.15
CA ALA A 312 -8.13 -3.72 -10.08
C ALA A 312 -8.08 -5.14 -10.64
N LEU A 313 -9.02 -5.45 -11.54
CA LEU A 313 -9.10 -6.81 -12.09
C LEU A 313 -7.88 -7.16 -12.93
N GLU A 314 -7.29 -6.18 -13.62
CA GLU A 314 -6.08 -6.47 -14.35
C GLU A 314 -4.96 -6.91 -13.42
N LYS A 315 -4.86 -6.27 -12.26
CA LYS A 315 -3.83 -6.66 -11.30
C LYS A 315 -4.15 -8.02 -10.66
N ILE A 316 -5.41 -8.27 -10.37
CA ILE A 316 -5.83 -9.55 -9.82
C ILE A 316 -5.54 -10.69 -10.82
N ARG A 317 -5.93 -10.51 -12.07
CA ARG A 317 -5.68 -11.54 -13.08
C ARG A 317 -4.18 -11.74 -13.34
N ALA A 318 -3.39 -10.69 -13.10
CA ALA A 318 -1.94 -10.77 -13.24
C ALA A 318 -1.28 -11.55 -12.09
N GLY A 319 -2.02 -11.70 -11.00
CA GLY A 319 -1.52 -12.45 -9.86
C GLY A 319 -1.77 -11.86 -8.47
N ALA A 320 -2.39 -10.69 -8.39
CA ALA A 320 -2.64 -10.10 -7.05
C ALA A 320 -3.86 -10.71 -6.37
N SER A 321 -3.70 -11.02 -5.08
CA SER A 321 -4.82 -11.47 -4.26
C SER A 321 -5.62 -10.32 -3.69
N LEU A 322 -4.95 -9.18 -3.52
CA LEU A 322 -5.54 -7.95 -3.00
C LEU A 322 -4.96 -6.79 -3.80
N VAL A 323 -5.63 -5.64 -3.77
CA VAL A 323 -5.07 -4.43 -4.36
C VAL A 323 -5.15 -3.27 -3.38
N GLN A 324 -4.33 -2.26 -3.62
CA GLN A 324 -4.39 -1.00 -2.88
C GLN A 324 -4.40 0.16 -3.84
N LEU A 325 -4.87 1.30 -3.35
CA LEU A 325 -4.77 2.55 -4.11
C LEU A 325 -4.47 3.67 -3.15
N TYR A 326 -3.94 4.76 -3.70
CA TYR A 326 -3.72 5.98 -2.94
C TYR A 326 -3.98 7.18 -3.86
N THR A 327 -3.19 7.32 -4.92
CA THR A 327 -3.21 8.53 -5.72
C THR A 327 -4.61 8.81 -6.32
N ALA A 328 -5.37 7.77 -6.63
CA ALA A 328 -6.74 7.96 -7.13
C ALA A 328 -7.59 8.81 -6.16
N LEU A 329 -7.34 8.67 -4.87
CA LEU A 329 -8.05 9.50 -3.87
C LEU A 329 -7.82 10.98 -4.10
N THR A 330 -6.62 11.34 -4.55
CA THR A 330 -6.27 12.74 -4.74
C THR A 330 -7.09 13.37 -5.87
N PHE A 331 -7.44 12.58 -6.87
CA PHE A 331 -8.14 13.09 -8.04
C PHE A 331 -9.64 12.79 -8.04
N TRP A 332 -10.06 11.73 -7.34
CA TRP A 332 -11.48 11.32 -7.34
C TRP A 332 -12.14 11.51 -5.98
N GLY A 333 -11.34 11.57 -4.92
CA GLY A 333 -11.87 11.64 -3.58
C GLY A 333 -12.44 10.31 -3.12
N PRO A 334 -12.98 10.27 -1.88
CA PRO A 334 -13.52 9.06 -1.25
C PRO A 334 -14.47 8.22 -2.10
N PRO A 335 -15.30 8.84 -2.96
CA PRO A 335 -16.21 8.00 -3.75
C PRO A 335 -15.51 6.97 -4.64
N VAL A 336 -14.21 7.13 -4.88
CA VAL A 336 -13.52 6.20 -5.78
C VAL A 336 -13.47 4.78 -5.19
N VAL A 337 -13.54 4.66 -3.87
CA VAL A 337 -13.45 3.33 -3.26
C VAL A 337 -14.68 2.48 -3.65
N GLY A 338 -15.87 3.03 -3.45
CA GLY A 338 -17.09 2.35 -3.86
C GLY A 338 -17.15 2.09 -5.35
N LYS A 339 -16.63 3.05 -6.12
CA LYS A 339 -16.58 2.92 -7.58
C LYS A 339 -15.79 1.69 -8.02
N VAL A 340 -14.59 1.56 -7.46
CA VAL A 340 -13.72 0.43 -7.82
C VAL A 340 -14.37 -0.90 -7.45
N LYS A 341 -14.96 -0.96 -6.24
CA LYS A 341 -15.60 -2.18 -5.78
C LYS A 341 -16.80 -2.56 -6.65
N ARG A 342 -17.64 -1.58 -6.98
CA ARG A 342 -18.83 -1.83 -7.81
C ARG A 342 -18.43 -2.30 -9.21
N GLU A 343 -17.47 -1.61 -9.81
CA GLU A 343 -17.00 -1.97 -11.14
C GLU A 343 -16.32 -3.34 -11.16
N LEU A 344 -15.55 -3.63 -10.12
CA LEU A 344 -14.87 -4.92 -10.02
C LEU A 344 -15.88 -6.06 -9.94
N GLU A 345 -16.92 -5.88 -9.12
CA GLU A 345 -17.95 -6.91 -9.00
C GLU A 345 -18.63 -7.15 -10.35
N ALA A 346 -18.96 -6.07 -11.05
CA ALA A 346 -19.60 -6.17 -12.36
C ALA A 346 -18.74 -6.91 -13.37
N LEU A 347 -17.46 -6.58 -13.42
CA LEU A 347 -16.53 -7.23 -14.34
C LEU A 347 -16.31 -8.71 -14.03
N LEU A 348 -16.24 -9.05 -12.74
CA LEU A 348 -16.06 -10.45 -12.37
C LEU A 348 -17.23 -11.27 -12.93
N LYS A 349 -18.44 -10.74 -12.77
CA LYS A 349 -19.64 -11.41 -13.29
C LYS A 349 -19.58 -11.53 -14.81
N GLU A 350 -19.23 -10.42 -15.47
CA GLU A 350 -19.15 -10.39 -16.93
C GLU A 350 -18.17 -11.40 -17.49
N GLN A 351 -17.07 -11.63 -16.78
CA GLN A 351 -16.02 -12.50 -17.28
C GLN A 351 -16.14 -13.93 -16.77
N GLY A 352 -17.23 -14.20 -16.06
CA GLY A 352 -17.56 -15.56 -15.63
C GLY A 352 -16.85 -16.05 -14.38
N PHE A 353 -16.37 -15.15 -13.54
CA PHE A 353 -15.73 -15.55 -12.29
C PHE A 353 -16.76 -15.63 -11.17
N GLY A 354 -16.68 -16.68 -10.35
CA GLY A 354 -17.58 -16.82 -9.21
C GLY A 354 -17.28 -15.78 -8.14
N GLY A 355 -16.03 -15.33 -8.10
CA GLY A 355 -15.62 -14.32 -7.14
C GLY A 355 -14.19 -13.93 -7.40
N VAL A 356 -13.67 -13.01 -6.59
CA VAL A 356 -12.30 -12.54 -6.73
C VAL A 356 -11.31 -13.69 -6.71
N THR A 357 -11.50 -14.64 -5.80
CA THR A 357 -10.55 -15.72 -5.63
C THR A 357 -10.31 -16.50 -6.92
N ASP A 358 -11.38 -16.72 -7.67
CA ASP A 358 -11.30 -17.44 -8.96
C ASP A 358 -10.50 -16.68 -10.00
N ALA A 359 -10.43 -15.35 -9.86
CA ALA A 359 -9.73 -14.51 -10.83
C ALA A 359 -8.25 -14.34 -10.55
N ILE A 360 -7.81 -14.65 -9.32
CA ILE A 360 -6.41 -14.44 -8.97
C ILE A 360 -5.48 -15.28 -9.85
N GLY A 361 -4.60 -14.59 -10.56
CA GLY A 361 -3.64 -15.24 -11.43
C GLY A 361 -4.21 -15.83 -12.72
N ALA A 362 -5.46 -15.51 -13.03
CA ALA A 362 -6.15 -16.15 -14.16
C ALA A 362 -5.45 -15.98 -15.51
N ASP A 363 -4.70 -14.88 -15.68
CA ASP A 363 -4.00 -14.67 -16.97
C ASP A 363 -2.92 -15.71 -17.24
N HIS A 364 -2.40 -16.30 -16.15
CA HIS A 364 -1.31 -17.28 -16.27
C HIS A 364 -1.83 -18.66 -16.64
N ARG A 365 -3.14 -18.86 -16.54
CA ARG A 365 -3.78 -20.13 -16.80
C ARG A 365 -4.52 -20.09 -18.14
N1 FMN B . 4.73 3.58 0.31
C2 FMN B . 5.31 3.03 1.42
O2 FMN B . 5.61 1.84 1.45
N3 FMN B . 5.58 3.86 2.51
C4 FMN B . 5.28 5.20 2.50
O4 FMN B . 5.53 5.87 3.52
C4A FMN B . 4.69 5.75 1.36
N5 FMN B . 4.37 7.10 1.29
C5A FMN B . 3.75 7.61 0.16
C6 FMN B . 3.41 8.96 0.08
C7 FMN B . 2.79 9.48 -1.07
C7M FMN B . 2.43 10.95 -1.08
C8 FMN B . 2.52 8.64 -2.15
C8M FMN B . 1.84 9.13 -3.40
C9 FMN B . 2.85 7.30 -2.05
C9A FMN B . 3.47 6.78 -0.93
N10 FMN B . 3.81 5.44 -0.86
C10 FMN B . 4.41 4.92 0.27
C1' FMN B . 3.55 4.53 -2.03
C2' FMN B . 2.12 4.00 -2.08
O2' FMN B . 1.91 3.19 -0.95
C3' FMN B . 1.91 3.19 -3.36
O3' FMN B . 2.79 2.08 -3.36
C4' FMN B . 2.15 4.01 -4.64
O4' FMN B . 1.78 5.37 -4.46
C5' FMN B . 1.40 3.45 -5.86
O5' FMN B . 0.01 3.43 -5.65
P FMN B . -0.93 4.58 -6.27
O1P FMN B . -0.71 5.86 -5.47
O2P FMN B . -2.36 4.11 -6.11
O3P FMN B . -0.54 4.77 -7.72
HN3 FMN B . 6.05 3.45 3.35
H6 FMN B . 3.62 9.62 0.92
HM71 FMN B . 1.95 11.20 -2.03
HM72 FMN B . 3.33 11.54 -0.96
HM73 FMN B . 1.74 11.16 -0.25
HM81 FMN B . 1.72 8.30 -4.10
HM82 FMN B . 2.47 9.90 -3.86
HM83 FMN B . 0.87 9.55 -3.15
H9 FMN B . 2.63 6.64 -2.90
H1'1 FMN B . 4.23 3.67 -1.97
H1'2 FMN B . 3.77 5.06 -2.95
H2' FMN B . 1.44 4.85 -2.07
HO2' FMN B . 1.68 2.27 -1.24
H3' FMN B . 0.87 2.84 -3.37
HO3' FMN B . 3.34 2.09 -4.17
H4' FMN B . 3.21 3.96 -4.87
HO4' FMN B . 1.14 5.62 -5.15
H5'1 FMN B . 1.75 2.44 -6.07
H5'2 FMN B . 1.62 4.07 -6.73
N1 ORO C . 7.50 7.92 -0.68
C2 ORO C . 7.15 6.85 -1.62
O2 ORO C . 6.74 7.18 -2.72
N3 ORO C . 7.34 5.58 -1.11
C4 ORO C . 7.82 5.26 0.14
O4 ORO C . 7.96 4.10 0.51
C5 ORO C . 8.16 6.41 1.06
C6 ORO C . 7.94 7.70 0.51
C7 ORO C . 8.38 8.98 1.40
O71 ORO C . 8.09 8.90 2.58
O72 ORO C . 9.00 9.77 0.68
S SO4 D . -1.55 -12.90 24.80
O1 SO4 D . -2.42 -13.97 24.35
O2 SO4 D . -1.39 -12.98 26.26
O3 SO4 D . -0.25 -13.03 24.15
O4 SO4 D . -2.15 -11.60 24.47
S SO4 E . 19.76 5.84 -3.67
O1 SO4 E . 19.49 4.48 -3.20
O2 SO4 E . 20.85 6.43 -2.90
O3 SO4 E . 20.14 5.78 -5.08
O4 SO4 E . 18.56 6.66 -3.51
C ACT F . -5.27 -6.65 15.92
O ACT F . -6.19 -7.33 15.41
OXT ACT F . -4.18 -6.70 15.27
CH3 ACT F . -5.46 -5.85 17.18
H1 ACT F . -4.53 -5.35 17.43
H2 ACT F . -5.73 -6.52 18.00
H3 ACT F . -6.25 -5.11 17.03
C ACT G . -3.17 11.50 19.22
O ACT G . -3.36 10.27 19.11
OXT ACT G . -4.01 12.24 18.67
CH3 ACT G . -1.99 12.05 19.97
H1 ACT G . -2.02 13.15 19.93
H2 ACT G . -1.07 11.71 19.50
H3 ACT G . -2.03 11.72 21.00
C13 B6R H . -8.41 16.34 -0.34
C15 B6R H . -9.98 14.63 0.52
C17 B6R H . -8.07 14.06 -0.97
C20 B6R H . -11.11 13.33 2.31
C21 B6R H . -12.24 13.04 3.07
C22 B6R H . -13.45 13.71 2.86
C24 B6R H . -12.38 14.99 1.10
C26 B6R H . -15.24 16.20 2.64
C28 B6R H . -1.05 14.54 -2.53
C1 B6R H . -3.08 14.09 -1.32
C2 B6R H . -2.41 14.81 -2.32
C3 B6R H . -3.14 15.84 -3.13
O4 B6R H . -2.56 16.47 -4.00
C5 B6R H . -4.55 16.03 -2.82
C6 B6R H . -5.22 15.31 -1.82
C7 B6R H . -4.52 14.29 -1.01
O8 B6R H . -5.12 13.68 -0.16
N9 B6R H . -6.53 15.77 -1.81
N10 B6R H . -6.63 16.75 -2.82
N11 B6R H . -5.49 16.92 -3.39
C12 B6R H . -7.66 15.39 -1.03
C14 B6R H . -9.53 15.97 0.42
C16 B6R H . -9.20 13.71 -0.20
F18 B6R H . -9.53 12.43 -0.18
C19 B6R H . -11.17 14.31 1.32
C23 B6R H . -13.51 14.69 1.88
O25 B6R H . -14.69 15.38 1.62
F27 B6R H . -10.18 16.91 1.07
C29 B6R H . -0.37 13.59 -1.78
C30 B6R H . -1.04 12.89 -0.80
C31 B6R H . -2.39 13.13 -0.57
H131 B6R H . -8.13 17.41 -0.35
H171 B6R H . -7.53 13.28 -1.51
H201 B6R H . -10.18 12.78 2.51
H211 B6R H . -12.19 12.26 3.85
H221 B6R H . -14.33 13.46 3.47
H241 B6R H . -12.44 15.75 0.34
H262 B6R H . -15.55 17.16 2.20
H263 B6R H . -14.60 16.42 3.50
H261 B6R H . -16.17 15.74 3.01
H281 B6R H . -0.45 15.07 -3.28
H291 B6R H . 0.70 13.38 -1.95
H301 B6R H . -0.50 12.13 -0.21
H311 B6R H . -2.88 12.55 0.21
N1 LDA I . -4.59 10.32 -17.56
O1 LDA I . -3.82 11.13 -18.17
CM1 LDA I . -5.89 10.99 -17.24
CM2 LDA I . -4.10 10.02 -16.21
C1 LDA I . -4.91 8.98 -18.30
C2 LDA I . -3.88 8.00 -18.04
C3 LDA I . -3.70 6.81 -19.03
C4 LDA I . -2.29 6.84 -19.72
C5 LDA I . -1.35 5.68 -19.43
C6 LDA I . -0.07 6.11 -18.63
C7 LDA I . 1.16 5.37 -19.16
C8 LDA I . 2.40 5.31 -18.27
C9 LDA I . 3.74 5.24 -18.96
C10 LDA I . 3.79 4.40 -20.24
C11 LDA I . 4.34 3.06 -20.00
C12 LDA I . 3.72 2.12 -20.96
HM11 LDA I . -6.52 10.28 -16.72
HM12 LDA I . -6.38 11.31 -18.17
HM13 LDA I . -5.77 11.90 -16.61
HM21 LDA I . -4.04 10.96 -15.65
HM22 LDA I . -3.12 9.49 -16.20
HM23 LDA I . -4.84 9.38 -15.72
H11 LDA I . -5.02 9.24 -19.36
H12 LDA I . -5.91 8.67 -17.97
H21 LDA I . -4.07 7.62 -17.02
H22 LDA I . -2.94 8.56 -17.95
H31 LDA I . -4.50 6.86 -19.79
H32 LDA I . -3.84 5.87 -18.49
H41 LDA I . -1.79 7.78 -19.42
H42 LDA I . -2.42 6.92 -20.80
H51 LDA I . -1.05 5.21 -20.36
H52 LDA I . -1.89 4.93 -18.84
H61 LDA I . -0.19 5.89 -17.58
H62 LDA I . 0.08 7.19 -18.75
H71 LDA I . 0.87 4.35 -19.41
H72 LDA I . 1.45 5.83 -20.11
H81 LDA I . 2.33 4.45 -17.58
H82 LDA I . 2.38 6.20 -17.64
H91 LDA I . 4.47 4.80 -18.27
H92 LDA I . 4.08 6.25 -19.15
H101 LDA I . 2.79 4.29 -20.66
H102 LDA I . 4.41 4.90 -20.99
H111 LDA I . 4.14 2.71 -18.97
H112 LDA I . 5.42 3.07 -20.16
H121 LDA I . 3.99 1.07 -20.80
H122 LDA I . 3.95 2.33 -22.03
H123 LDA I . 2.61 2.13 -20.92
#